data_5VZW
#
_entry.id   5VZW
#
_cell.length_a   52.830
_cell.length_b   109.355
_cell.length_c   122.963
_cell.angle_alpha   90.00
_cell.angle_beta   90.00
_cell.angle_gamma   90.00
#
_symmetry.space_group_name_H-M   'P 21 21 21'
#
loop_
_entity.id
_entity.type
_entity.pdbx_description
1 polymer 'Ubiquitin-conjugating enzyme E2 D2'
2 polymer Ubiquitin
3 polymer 'E3 ubiquitin-protein ligase TRIM23'
4 non-polymer 'ZINC ION'
5 water water
#
loop_
_entity_poly.entity_id
_entity_poly.type
_entity_poly.pdbx_seq_one_letter_code
_entity_poly.pdbx_strand_id
1 'polypeptide(L)'
;MALKRIHKELNDLARDPPAQCRAGPVGDDMFHWQATIMGPNDSPYQGGVFFLTIHFPTDYPFKPPKVAFTTRIYHPNINS
NGSIKLDILRSQWSPALTISKVLLSICSLLCDPNPDDPLVPEIARIYKTDREKYNRIAREWTQKYAM
;
A,B
2 'polypeptide(L)' GSHMQIFVKTLTGKTITLEVEPSDTIENVKAKIQDKEGIPPDQQRLIFAGKQLEDGRTLSDYNIQKESTLHLVLRLRGG C,D
3 'polypeptide(L)'
;MATLVVNKLGAGVDSGRQGSRGTAVVKVLECGVCEDVFSLQGDKVPRLLLCGHTVCHDCLTRLPLHGRAIRCPFDRQVTD
LGDSGVWGLKKNFALLELLERLQNGPIGQYGAAEESIGISGES
;
F,G
#
# COMPACT_ATOMS: atom_id res chain seq x y z
N ALA A 2 11.34 -12.02 -18.92
CA ALA A 2 12.56 -12.69 -18.47
C ALA A 2 13.79 -11.90 -18.87
N LEU A 3 13.88 -11.60 -20.17
CA LEU A 3 15.08 -10.97 -20.71
C LEU A 3 15.33 -9.61 -20.06
N LYS A 4 14.27 -8.83 -19.84
CA LYS A 4 14.42 -7.52 -19.23
C LYS A 4 15.05 -7.62 -17.85
N ARG A 5 14.54 -8.52 -17.01
CA ARG A 5 15.12 -8.67 -15.68
C ARG A 5 16.55 -9.17 -15.74
N ILE A 6 16.83 -10.10 -16.66
CA ILE A 6 18.19 -10.58 -16.82
C ILE A 6 19.13 -9.41 -17.13
N HIS A 7 18.69 -8.52 -18.03
CA HIS A 7 19.48 -7.32 -18.33
C HIS A 7 19.65 -6.43 -17.11
N LYS A 8 18.58 -6.24 -16.32
CA LYS A 8 18.69 -5.42 -15.12
C LYS A 8 19.74 -5.99 -14.17
N GLU A 9 19.64 -7.29 -13.88
CA GLU A 9 20.62 -7.92 -13.01
C GLU A 9 22.03 -7.76 -13.56
N LEU A 10 22.18 -7.84 -14.89
CA LEU A 10 23.50 -7.67 -15.49
C LEU A 10 24.02 -6.26 -15.26
N ASN A 11 23.22 -5.25 -15.57
CA ASN A 11 23.63 -3.87 -15.33
C ASN A 11 24.08 -3.68 -13.90
N ASP A 12 23.31 -4.22 -12.94
CA ASP A 12 23.68 -4.08 -11.54
C ASP A 12 25.00 -4.79 -11.24
N LEU A 13 25.21 -5.98 -11.80
CA LEU A 13 26.44 -6.72 -11.54
C LEU A 13 27.65 -6.02 -12.14
N ALA A 14 27.48 -5.35 -13.28
CA ALA A 14 28.60 -4.61 -13.86
C ALA A 14 28.90 -3.34 -13.08
N ARG A 15 27.84 -2.63 -12.66
CA ARG A 15 28.06 -1.34 -12.00
C ARG A 15 28.58 -1.52 -10.58
N ASP A 16 27.94 -2.37 -9.77
CA ASP A 16 28.28 -2.51 -8.36
C ASP A 16 27.99 -3.92 -7.89
N PRO A 17 28.88 -4.87 -8.18
CA PRO A 17 28.68 -6.25 -7.72
C PRO A 17 29.15 -6.41 -6.29
N PRO A 18 28.66 -7.44 -5.58
CA PRO A 18 29.22 -7.76 -4.27
C PRO A 18 30.63 -8.30 -4.39
N ALA A 19 31.44 -8.05 -3.36
CA ALA A 19 32.85 -8.39 -3.40
C ALA A 19 33.10 -9.88 -3.55
N GLN A 20 32.10 -10.72 -3.22
CA GLN A 20 32.33 -12.15 -3.14
C GLN A 20 32.16 -12.86 -4.48
N CYS A 21 31.30 -12.35 -5.35
CA CYS A 21 30.91 -13.11 -6.54
C CYS A 21 30.81 -12.21 -7.76
N ARG A 22 30.90 -12.84 -8.92
CA ARG A 22 30.74 -12.16 -10.21
C ARG A 22 30.01 -13.12 -11.14
N ALA A 23 29.21 -12.58 -12.06
CA ALA A 23 28.53 -13.43 -13.00
C ALA A 23 28.23 -12.67 -14.28
N GLY A 24 28.20 -13.37 -15.40
CA GLY A 24 27.85 -12.77 -16.66
C GLY A 24 27.71 -13.78 -17.78
N PRO A 25 26.95 -13.43 -18.82
CA PRO A 25 26.75 -14.37 -19.93
C PRO A 25 28.03 -14.61 -20.68
N VAL A 26 28.38 -15.89 -20.84
CA VAL A 26 29.51 -16.28 -21.67
C VAL A 26 29.06 -16.31 -23.12
N GLY A 27 29.80 -15.62 -23.98
CA GLY A 27 29.39 -15.54 -25.37
C GLY A 27 28.20 -14.62 -25.55
N ASP A 28 27.37 -14.98 -26.53
CA ASP A 28 26.21 -14.15 -26.90
C ASP A 28 24.92 -14.57 -26.20
N ASP A 29 24.92 -15.69 -25.47
CA ASP A 29 23.69 -16.24 -24.91
C ASP A 29 23.38 -15.57 -23.57
N MET A 30 22.23 -14.88 -23.52
CA MET A 30 21.79 -14.25 -22.29
C MET A 30 21.28 -15.24 -21.26
N PHE A 31 20.89 -16.43 -21.69
CA PHE A 31 20.30 -17.43 -20.80
C PHE A 31 21.31 -18.42 -20.25
N HIS A 32 22.58 -18.30 -20.63
CA HIS A 32 23.65 -19.14 -20.09
C HIS A 32 24.76 -18.24 -19.58
N TRP A 33 24.98 -18.24 -18.26
CA TRP A 33 25.99 -17.41 -17.63
C TRP A 33 27.08 -18.27 -16.99
N GLN A 34 28.22 -17.62 -16.79
CA GLN A 34 29.30 -18.14 -15.97
C GLN A 34 29.38 -17.29 -14.71
N ALA A 35 29.62 -17.95 -13.58
CA ALA A 35 29.72 -17.27 -12.30
C ALA A 35 31.02 -17.66 -11.62
N THR A 36 31.48 -16.79 -10.74
CA THR A 36 32.71 -16.96 -9.98
C THR A 36 32.41 -16.61 -8.54
N ILE A 37 32.81 -17.50 -7.64
CA ILE A 37 32.66 -17.34 -6.20
C ILE A 37 34.03 -17.42 -5.57
N MET A 38 34.32 -16.51 -4.65
CA MET A 38 35.56 -16.57 -3.87
C MET A 38 35.29 -17.33 -2.58
N GLY A 39 36.14 -18.31 -2.30
CA GLY A 39 36.03 -19.03 -1.04
C GLY A 39 36.10 -18.06 0.12
N PRO A 40 35.19 -18.19 1.08
CA PRO A 40 35.20 -17.27 2.22
C PRO A 40 36.44 -17.44 3.07
N ASN A 41 36.88 -16.34 3.68
CA ASN A 41 38.05 -16.36 4.54
C ASN A 41 37.78 -17.17 5.81
N ASP A 42 38.86 -17.55 6.48
CA ASP A 42 38.79 -18.35 7.71
C ASP A 42 37.93 -19.59 7.49
N SER A 43 38.20 -20.30 6.39
CA SER A 43 37.47 -21.51 6.06
C SER A 43 38.38 -22.41 5.23
N PRO A 44 38.08 -23.70 5.14
CA PRO A 44 38.88 -24.58 4.27
C PRO A 44 38.91 -24.13 2.82
N TYR A 45 37.92 -23.36 2.36
CA TYR A 45 37.88 -22.88 0.99
C TYR A 45 38.57 -21.53 0.83
N GLN A 46 39.13 -20.99 1.91
CA GLN A 46 39.78 -19.68 1.86
C GLN A 46 40.80 -19.61 0.73
N GLY A 47 40.76 -18.52 -0.03
CA GLY A 47 41.66 -18.31 -1.14
C GLY A 47 41.26 -19.01 -2.42
N GLY A 48 40.25 -19.88 -2.39
CA GLY A 48 39.81 -20.55 -3.59
C GLY A 48 38.97 -19.67 -4.49
N VAL A 49 38.90 -20.07 -5.76
CA VAL A 49 38.06 -19.40 -6.76
C VAL A 49 37.32 -20.51 -7.50
N PHE A 50 36.00 -20.53 -7.35
CA PHE A 50 35.16 -21.61 -7.87
C PHE A 50 34.26 -21.05 -8.96
N PHE A 51 34.20 -21.74 -10.09
CA PHE A 51 33.37 -21.33 -11.21
C PHE A 51 32.09 -22.15 -11.26
N LEU A 52 31.05 -21.56 -11.82
CA LEU A 52 29.74 -22.19 -11.89
C LEU A 52 29.09 -21.83 -13.22
N THR A 53 28.17 -22.69 -13.65
CA THR A 53 27.31 -22.41 -14.79
C THR A 53 25.91 -22.12 -14.29
N ILE A 54 25.27 -21.16 -14.95
CA ILE A 54 23.90 -20.75 -14.66
C ILE A 54 23.10 -20.85 -15.94
N HIS A 55 21.94 -21.49 -15.87
CA HIS A 55 21.03 -21.60 -17.01
C HIS A 55 19.67 -21.07 -16.60
N PHE A 56 19.20 -20.04 -17.29
CA PHE A 56 17.94 -19.40 -16.97
C PHE A 56 16.80 -20.08 -17.71
N PRO A 57 15.73 -20.51 -17.04
CA PRO A 57 14.57 -21.02 -17.75
C PRO A 57 13.88 -19.90 -18.54
N THR A 58 12.99 -20.30 -19.43
CA THR A 58 12.34 -19.32 -20.30
C THR A 58 11.46 -18.36 -19.50
N ASP A 59 10.83 -18.83 -18.42
CA ASP A 59 9.95 -17.99 -17.61
C ASP A 59 10.62 -17.54 -16.31
N TYR A 60 11.94 -17.47 -16.30
CA TYR A 60 12.64 -16.79 -15.23
C TYR A 60 12.08 -15.38 -15.09
N PRO A 61 11.93 -14.83 -13.87
CA PRO A 61 12.32 -15.34 -12.54
C PRO A 61 11.27 -16.17 -11.81
N PHE A 62 10.21 -16.60 -12.50
CA PHE A 62 9.16 -17.34 -11.82
C PHE A 62 9.49 -18.80 -11.66
N LYS A 63 10.47 -19.31 -12.41
CA LYS A 63 11.10 -20.60 -12.16
C LYS A 63 12.56 -20.37 -11.78
N PRO A 64 13.13 -21.20 -10.93
CA PRO A 64 14.51 -20.96 -10.47
C PRO A 64 15.50 -21.21 -11.58
N PRO A 65 16.70 -20.63 -11.50
CA PRO A 65 17.75 -20.97 -12.46
C PRO A 65 18.46 -22.25 -12.07
N LYS A 66 19.04 -22.90 -13.07
CA LYS A 66 19.84 -24.10 -12.85
C LYS A 66 21.28 -23.67 -12.62
N VAL A 67 21.78 -23.91 -11.41
CA VAL A 67 23.12 -23.51 -11.01
C VAL A 67 23.91 -24.77 -10.70
N ALA A 68 25.14 -24.84 -11.23
CA ALA A 68 26.00 -25.99 -10.97
C ALA A 68 27.44 -25.55 -10.86
N PHE A 69 28.19 -26.18 -9.96
CA PHE A 69 29.61 -25.93 -9.86
C PHE A 69 30.36 -26.59 -11.00
N THR A 70 31.24 -25.84 -11.65
CA THR A 70 32.19 -26.42 -12.60
C THR A 70 33.54 -26.73 -11.97
N THR A 71 33.92 -26.01 -10.91
CA THR A 71 35.13 -26.32 -10.16
C THR A 71 34.81 -27.40 -9.13
N ARG A 72 35.66 -28.45 -9.10
CA ARG A 72 35.50 -29.48 -8.08
C ARG A 72 35.61 -28.87 -6.70
N ILE A 73 34.71 -29.26 -5.80
CA ILE A 73 34.70 -28.74 -4.44
C ILE A 73 34.26 -29.85 -3.50
N TYR A 74 34.78 -29.82 -2.27
CA TYR A 74 34.54 -30.83 -1.27
C TYR A 74 33.46 -30.32 -0.32
N HIS A 75 32.25 -30.88 -0.41
CA HIS A 75 31.15 -30.38 0.39
C HIS A 75 30.09 -31.47 0.55
N PRO A 76 29.42 -31.56 1.70
CA PRO A 76 28.36 -32.56 1.85
C PRO A 76 27.19 -32.38 0.89
N ASN A 77 26.82 -31.14 0.60
CA ASN A 77 25.64 -30.85 -0.21
C ASN A 77 25.99 -30.55 -1.67
N ILE A 78 27.22 -30.83 -2.08
CA ILE A 78 27.66 -30.66 -3.46
C ILE A 78 28.43 -31.91 -3.85
N ASN A 79 28.07 -32.50 -5.00
CA ASN A 79 28.65 -33.76 -5.42
C ASN A 79 29.77 -33.52 -6.43
N SER A 80 30.36 -34.63 -6.89
CA SER A 80 31.50 -34.56 -7.81
C SER A 80 31.12 -33.93 -9.14
N ASN A 81 29.87 -34.06 -9.56
CA ASN A 81 29.41 -33.43 -10.80
C ASN A 81 29.09 -31.96 -10.63
N GLY A 82 29.25 -31.40 -9.43
CA GLY A 82 28.96 -29.99 -9.24
C GLY A 82 27.50 -29.67 -8.97
N SER A 83 26.65 -30.67 -8.81
CA SER A 83 25.23 -30.41 -8.54
C SER A 83 25.07 -29.90 -7.11
N ILE A 84 24.17 -28.94 -6.93
CA ILE A 84 23.90 -28.33 -5.64
C ILE A 84 22.47 -28.68 -5.25
N LYS A 85 22.33 -29.39 -4.14
CA LYS A 85 21.01 -29.65 -3.57
C LYS A 85 20.76 -28.58 -2.52
N LEU A 86 19.96 -27.59 -2.89
CA LEU A 86 19.68 -26.42 -2.07
C LEU A 86 18.23 -26.03 -2.31
N ASP A 87 17.49 -25.79 -1.22
CA ASP A 87 16.04 -25.67 -1.36
C ASP A 87 15.63 -24.43 -2.15
N ILE A 88 16.38 -23.32 -2.03
CA ILE A 88 16.04 -22.12 -2.79
C ILE A 88 16.23 -22.32 -4.29
N LEU A 89 16.92 -23.38 -4.70
CA LEU A 89 16.98 -23.73 -6.11
C LEU A 89 15.85 -24.63 -6.56
N ARG A 90 15.04 -25.15 -5.63
CA ARG A 90 13.92 -25.99 -6.00
C ARG A 90 12.66 -25.34 -5.45
N SER A 91 12.05 -25.87 -4.39
CA SER A 91 10.72 -25.47 -3.97
C SER A 91 10.69 -24.24 -3.07
N GLN A 92 11.84 -23.79 -2.57
CA GLN A 92 11.91 -22.57 -1.77
C GLN A 92 12.43 -21.39 -2.57
N TRP A 93 12.39 -21.48 -3.90
CA TRP A 93 12.77 -20.37 -4.76
C TRP A 93 11.81 -19.20 -4.56
N SER A 94 12.35 -17.99 -4.68
CA SER A 94 11.56 -16.77 -4.65
C SER A 94 11.86 -15.97 -5.91
N PRO A 95 10.84 -15.55 -6.67
CA PRO A 95 11.10 -14.72 -7.86
C PRO A 95 11.87 -13.45 -7.56
N ALA A 96 11.91 -12.99 -6.31
CA ALA A 96 12.67 -11.79 -5.97
C ALA A 96 14.17 -12.07 -5.83
N LEU A 97 14.56 -13.33 -5.74
CA LEU A 97 15.98 -13.66 -5.63
C LEU A 97 16.67 -13.41 -6.97
N THR A 98 17.81 -12.73 -6.91
CA THR A 98 18.64 -12.49 -8.07
C THR A 98 19.82 -13.44 -8.06
N ILE A 99 20.52 -13.52 -9.21
CA ILE A 99 21.68 -14.39 -9.31
C ILE A 99 22.72 -14.03 -8.27
N SER A 100 22.91 -12.73 -8.02
CA SER A 100 23.84 -12.30 -6.99
C SER A 100 23.45 -12.86 -5.63
N LYS A 101 22.17 -12.71 -5.26
CA LYS A 101 21.68 -13.26 -4.01
C LYS A 101 21.89 -14.78 -3.95
N VAL A 102 21.68 -15.46 -5.08
CA VAL A 102 21.84 -16.91 -5.10
C VAL A 102 23.29 -17.30 -4.86
N LEU A 103 24.23 -16.55 -5.45
CA LEU A 103 25.64 -16.89 -5.28
C LEU A 103 26.10 -16.63 -3.85
N LEU A 104 25.73 -15.47 -3.28
CA LEU A 104 26.00 -15.24 -1.87
C LEU A 104 25.41 -16.34 -1.00
N SER A 105 24.16 -16.73 -1.30
CA SER A 105 23.53 -17.84 -0.58
C SER A 105 24.40 -19.08 -0.64
N ILE A 106 24.95 -19.37 -1.82
CA ILE A 106 25.75 -20.58 -1.99
C ILE A 106 27.05 -20.50 -1.19
N CYS A 107 27.66 -19.32 -1.09
CA CYS A 107 28.83 -19.19 -0.22
C CYS A 107 28.47 -19.48 1.23
N SER A 108 27.44 -18.79 1.74
CA SER A 108 26.99 -19.06 3.09
C SER A 108 26.74 -20.53 3.29
N LEU A 109 26.31 -21.23 2.23
CA LEU A 109 26.17 -22.68 2.32
C LEU A 109 27.53 -23.38 2.39
N LEU A 110 28.53 -22.85 1.69
CA LEU A 110 29.86 -23.45 1.76
C LEU A 110 30.33 -23.53 3.20
N CYS A 111 30.12 -22.46 3.97
CA CYS A 111 30.59 -22.48 5.34
C CYS A 111 29.55 -22.98 6.34
N ASP A 112 28.34 -23.31 5.91
CA ASP A 112 27.27 -23.78 6.80
C ASP A 112 26.55 -24.95 6.13
N PRO A 113 27.20 -26.10 6.04
CA PRO A 113 26.60 -27.25 5.37
C PRO A 113 25.52 -27.91 6.22
N ASN A 114 24.78 -28.81 5.58
CA ASN A 114 23.76 -29.63 6.23
C ASN A 114 24.16 -31.09 6.13
N PRO A 115 24.89 -31.62 7.11
CA PRO A 115 25.26 -33.04 7.06
C PRO A 115 24.10 -33.99 7.30
N ASP A 116 23.04 -33.54 7.97
CA ASP A 116 21.93 -34.43 8.30
C ASP A 116 21.21 -34.94 7.05
N ASP A 117 21.04 -34.07 6.04
CA ASP A 117 20.39 -34.42 4.78
C ASP A 117 21.40 -34.19 3.66
N PRO A 118 22.34 -35.11 3.44
CA PRO A 118 23.46 -34.82 2.55
C PRO A 118 23.27 -35.31 1.13
N LEU A 119 23.88 -34.60 0.18
CA LEU A 119 23.98 -35.10 -1.19
C LEU A 119 25.11 -36.11 -1.33
N VAL A 120 26.19 -35.94 -0.59
CA VAL A 120 27.31 -36.86 -0.59
C VAL A 120 27.44 -37.46 0.81
N PRO A 121 26.92 -38.68 1.01
CA PRO A 121 26.89 -39.22 2.39
C PRO A 121 28.26 -39.36 3.03
N GLU A 122 29.26 -39.81 2.29
CA GLU A 122 30.59 -40.01 2.87
C GLU A 122 31.14 -38.69 3.45
N ILE A 123 31.12 -37.64 2.64
CA ILE A 123 31.62 -36.35 3.10
C ILE A 123 30.88 -35.90 4.36
N ALA A 124 29.56 -36.15 4.41
CA ALA A 124 28.80 -35.79 5.60
C ALA A 124 29.26 -36.60 6.81
N ARG A 125 29.53 -37.89 6.62
CA ARG A 125 30.05 -38.69 7.71
C ARG A 125 31.36 -38.12 8.24
N ILE A 126 32.27 -37.76 7.32
CA ILE A 126 33.53 -37.15 7.74
C ILE A 126 33.24 -35.86 8.52
N TYR A 127 32.28 -35.07 8.05
CA TYR A 127 31.99 -33.79 8.68
C TYR A 127 31.50 -33.98 10.10
N LYS A 128 30.63 -34.98 10.32
CA LYS A 128 30.07 -35.18 11.65
C LYS A 128 31.07 -35.85 12.59
N THR A 129 31.79 -36.88 12.12
CA THR A 129 32.65 -37.65 13.00
C THR A 129 33.96 -36.94 13.28
N ASP A 130 34.70 -36.56 12.24
CA ASP A 130 36.04 -35.98 12.37
C ASP A 130 36.09 -34.68 11.57
N ARG A 131 35.90 -33.55 12.25
CA ARG A 131 35.85 -32.27 11.56
C ARG A 131 37.24 -31.86 11.08
N GLU A 132 38.28 -32.14 11.87
CA GLU A 132 39.64 -31.80 11.47
C GLU A 132 39.98 -32.42 10.11
N LYS A 133 39.65 -33.71 9.94
CA LYS A 133 39.89 -34.36 8.65
C LYS A 133 39.08 -33.71 7.54
N TYR A 134 37.81 -33.36 7.81
CA TYR A 134 36.99 -32.69 6.82
C TYR A 134 37.65 -31.39 6.36
N ASN A 135 38.10 -30.57 7.30
CA ASN A 135 38.75 -29.31 6.95
C ASN A 135 40.04 -29.56 6.16
N ARG A 136 40.81 -30.56 6.56
CA ARG A 136 42.04 -30.88 5.83
C ARG A 136 41.73 -31.23 4.37
N ILE A 137 40.81 -32.17 4.15
CA ILE A 137 40.51 -32.61 2.79
C ILE A 137 39.92 -31.46 1.98
N ALA A 138 39.03 -30.68 2.59
CA ALA A 138 38.45 -29.54 1.87
C ALA A 138 39.53 -28.55 1.46
N ARG A 139 40.49 -28.31 2.34
CA ARG A 139 41.60 -27.41 2.00
C ARG A 139 42.43 -27.99 0.86
N GLU A 140 42.70 -29.29 0.89
CA GLU A 140 43.44 -29.94 -0.18
C GLU A 140 42.72 -29.79 -1.52
N TRP A 141 41.43 -30.13 -1.54
CA TRP A 141 40.65 -29.97 -2.77
C TRP A 141 40.67 -28.53 -3.26
N THR A 142 40.56 -27.57 -2.34
CA THR A 142 40.60 -26.16 -2.74
C THR A 142 41.93 -25.83 -3.41
N GLN A 143 43.04 -26.27 -2.82
CA GLN A 143 44.35 -25.99 -3.39
C GLN A 143 44.51 -26.64 -4.76
N LYS A 144 44.14 -27.92 -4.86
CA LYS A 144 44.35 -28.65 -6.11
C LYS A 144 43.47 -28.11 -7.23
N TYR A 145 42.16 -27.99 -6.97
CA TYR A 145 41.19 -27.73 -8.02
C TYR A 145 40.84 -26.26 -8.20
N ALA A 146 41.01 -25.43 -7.18
CA ALA A 146 40.52 -24.06 -7.20
C ALA A 146 41.63 -23.02 -7.09
N MET A 147 42.86 -23.40 -7.38
CA MET A 147 43.98 -22.46 -7.32
C MET A 147 45.02 -22.80 -8.40
N SER B 2 -21.28 9.95 -27.73
CA SER B 2 -21.23 8.49 -27.44
C SER B 2 -20.23 8.19 -26.33
N HIS B 3 -18.96 8.49 -26.57
CA HIS B 3 -17.92 8.33 -25.57
C HIS B 3 -17.45 9.71 -25.11
N MET B 4 -17.50 9.94 -23.79
CA MET B 4 -17.14 11.23 -23.22
C MET B 4 -16.36 11.01 -21.94
N GLN B 5 -15.77 12.10 -21.44
CA GLN B 5 -15.08 12.12 -20.16
C GLN B 5 -15.84 13.03 -19.21
N ILE B 6 -16.00 12.58 -17.97
CA ILE B 6 -16.55 13.42 -16.92
C ILE B 6 -15.56 13.46 -15.77
N PHE B 7 -15.82 14.35 -14.81
CA PHE B 7 -14.98 14.50 -13.65
C PHE B 7 -15.74 14.06 -12.40
N VAL B 8 -15.00 13.58 -11.41
CA VAL B 8 -15.57 13.23 -10.12
C VAL B 8 -14.63 13.75 -9.04
N LYS B 9 -15.17 14.53 -8.11
CA LYS B 9 -14.43 15.01 -6.96
C LYS B 9 -14.59 13.99 -5.84
N THR B 10 -13.51 13.27 -5.54
CA THR B 10 -13.57 12.18 -4.58
C THR B 10 -13.56 12.74 -3.15
N LEU B 11 -13.56 11.84 -2.17
CA LEU B 11 -13.63 12.26 -0.78
C LEU B 11 -12.42 13.10 -0.39
N THR B 12 -11.22 12.68 -0.80
CA THR B 12 -10.01 13.40 -0.43
C THR B 12 -9.91 14.78 -1.07
N GLY B 13 -10.80 15.12 -2.00
CA GLY B 13 -10.73 16.37 -2.71
C GLY B 13 -10.04 16.30 -4.05
N LYS B 14 -9.34 15.20 -4.34
CA LYS B 14 -8.69 15.05 -5.63
C LYS B 14 -9.72 14.78 -6.72
N THR B 15 -9.45 15.31 -7.90
CA THR B 15 -10.38 15.22 -9.02
C THR B 15 -9.91 14.12 -9.97
N ILE B 16 -10.82 13.19 -10.26
CA ILE B 16 -10.51 12.07 -11.15
C ILE B 16 -11.33 12.23 -12.42
N THR B 17 -10.83 11.63 -13.50
CA THR B 17 -11.48 11.65 -14.80
C THR B 17 -12.00 10.26 -15.12
N LEU B 18 -13.23 10.21 -15.64
CA LEU B 18 -13.91 8.96 -15.93
C LEU B 18 -14.29 8.89 -17.40
N GLU B 19 -14.04 7.73 -18.00
CA GLU B 19 -14.42 7.43 -19.38
C GLU B 19 -15.80 6.78 -19.34
N VAL B 20 -16.82 7.51 -19.82
CA VAL B 20 -18.20 7.07 -19.69
C VAL B 20 -18.93 7.26 -21.01
N GLU B 21 -20.15 6.73 -21.04
CA GLU B 21 -21.09 6.87 -22.15
C GLU B 21 -22.41 7.38 -21.63
N PRO B 22 -23.20 8.07 -22.46
CA PRO B 22 -24.53 8.49 -22.02
C PRO B 22 -25.39 7.36 -21.50
N SER B 23 -25.23 6.16 -22.06
CA SER B 23 -26.05 5.02 -21.63
C SER B 23 -25.63 4.48 -20.26
N ASP B 24 -24.43 4.83 -19.77
CA ASP B 24 -23.97 4.27 -18.51
C ASP B 24 -24.93 4.61 -17.38
N THR B 25 -25.27 3.60 -16.59
CA THR B 25 -26.09 3.81 -15.41
C THR B 25 -25.25 4.41 -14.30
N ILE B 26 -25.93 4.91 -13.27
CA ILE B 26 -25.21 5.47 -12.14
C ILE B 26 -24.42 4.38 -11.42
N GLU B 27 -24.96 3.17 -11.32
CA GLU B 27 -24.22 2.09 -10.68
C GLU B 27 -22.97 1.72 -11.45
N ASN B 28 -22.99 1.79 -12.79
CA ASN B 28 -21.77 1.54 -13.55
C ASN B 28 -20.73 2.61 -13.27
N VAL B 29 -21.15 3.87 -13.21
CA VAL B 29 -20.25 4.95 -12.84
C VAL B 29 -19.63 4.68 -11.47
N LYS B 30 -20.47 4.28 -10.51
CA LYS B 30 -19.98 3.95 -9.18
C LYS B 30 -19.02 2.77 -9.20
N ALA B 31 -19.23 1.83 -10.12
CA ALA B 31 -18.28 0.73 -10.27
C ALA B 31 -16.93 1.24 -10.75
N LYS B 32 -16.93 2.18 -11.70
CA LYS B 32 -15.67 2.78 -12.11
C LYS B 32 -15.00 3.51 -10.95
N ILE B 33 -15.80 4.22 -10.15
CA ILE B 33 -15.26 4.89 -8.97
C ILE B 33 -14.62 3.87 -8.03
N GLN B 34 -15.26 2.71 -7.86
CA GLN B 34 -14.69 1.68 -7.01
C GLN B 34 -13.37 1.18 -7.58
N ASP B 35 -13.31 0.98 -8.90
CA ASP B 35 -12.08 0.52 -9.52
C ASP B 35 -10.94 1.51 -9.27
N LYS B 36 -11.20 2.81 -9.38
CA LYS B 36 -10.11 3.78 -9.27
C LYS B 36 -9.78 4.12 -7.82
N GLU B 37 -10.79 4.20 -6.95
CA GLU B 37 -10.62 4.69 -5.59
C GLU B 37 -10.85 3.63 -4.52
N GLY B 38 -11.47 2.51 -4.85
CA GLY B 38 -11.65 1.44 -3.90
C GLY B 38 -12.74 1.67 -2.88
N ILE B 39 -13.78 2.41 -3.22
CA ILE B 39 -14.90 2.64 -2.31
C ILE B 39 -16.09 1.84 -2.85
N PRO B 40 -16.71 0.97 -2.04
CA PRO B 40 -17.84 0.18 -2.54
C PRO B 40 -18.97 1.07 -3.01
N PRO B 41 -19.67 0.70 -4.08
CA PRO B 41 -20.81 1.50 -4.53
C PRO B 41 -21.85 1.77 -3.44
N ASP B 42 -22.10 0.80 -2.56
CA ASP B 42 -23.07 0.99 -1.49
C ASP B 42 -22.68 2.12 -0.54
N GLN B 43 -21.41 2.53 -0.53
CA GLN B 43 -20.97 3.64 0.29
C GLN B 43 -20.86 4.96 -0.47
N GLN B 44 -21.07 4.93 -1.78
CA GLN B 44 -20.97 6.13 -2.60
C GLN B 44 -22.31 6.84 -2.73
N ARG B 45 -22.27 8.16 -2.65
CA ARG B 45 -23.41 9.01 -2.98
C ARG B 45 -22.91 10.08 -3.94
N LEU B 46 -23.46 10.09 -5.15
CA LEU B 46 -23.03 11.01 -6.19
C LEU B 46 -24.01 12.18 -6.27
N ILE B 47 -23.46 13.39 -6.36
CA ILE B 47 -24.23 14.62 -6.39
C ILE B 47 -23.92 15.36 -7.69
N PHE B 48 -24.97 15.87 -8.34
CA PHE B 48 -24.84 16.75 -9.49
C PHE B 48 -25.89 17.84 -9.37
N ALA B 49 -25.45 19.10 -9.41
CA ALA B 49 -26.36 20.24 -9.27
C ALA B 49 -27.13 20.17 -7.96
N GLY B 50 -26.44 19.76 -6.89
CA GLY B 50 -27.03 19.70 -5.56
C GLY B 50 -28.01 18.57 -5.35
N LYS B 51 -28.18 17.68 -6.32
CA LYS B 51 -29.14 16.59 -6.25
C LYS B 51 -28.42 15.25 -6.26
N GLN B 52 -28.93 14.32 -5.45
CA GLN B 52 -28.45 12.94 -5.46
C GLN B 52 -28.78 12.28 -6.79
N LEU B 53 -27.86 11.45 -7.28
CA LEU B 53 -28.05 10.67 -8.50
C LEU B 53 -28.44 9.25 -8.11
N GLU B 54 -29.64 8.83 -8.50
CA GLU B 54 -30.16 7.52 -8.15
C GLU B 54 -29.61 6.45 -9.09
N ASP B 55 -29.47 5.24 -8.55
CA ASP B 55 -28.78 4.16 -9.27
C ASP B 55 -29.47 3.84 -10.59
N GLY B 56 -30.78 3.59 -10.55
CA GLY B 56 -31.45 3.03 -11.72
C GLY B 56 -31.25 3.85 -12.99
N ARG B 57 -31.21 5.18 -12.86
CA ARG B 57 -31.18 6.06 -14.01
C ARG B 57 -29.80 6.06 -14.68
N THR B 58 -29.72 6.73 -15.83
CA THR B 58 -28.50 6.84 -16.61
C THR B 58 -28.02 8.29 -16.66
N LEU B 59 -26.81 8.48 -17.20
CA LEU B 59 -26.28 9.82 -17.39
C LEU B 59 -27.14 10.64 -18.33
N SER B 60 -27.71 9.99 -19.36
CA SER B 60 -28.63 10.70 -20.25
C SER B 60 -29.85 11.20 -19.50
N ASP B 61 -30.40 10.38 -18.59
CA ASP B 61 -31.59 10.78 -17.85
C ASP B 61 -31.36 12.08 -17.10
N TYR B 62 -30.15 12.29 -16.60
CA TYR B 62 -29.80 13.51 -15.90
C TYR B 62 -29.16 14.56 -16.81
N ASN B 63 -29.10 14.28 -18.11
CA ASN B 63 -28.48 15.18 -19.08
C ASN B 63 -27.10 15.62 -18.60
N ILE B 64 -26.31 14.64 -18.16
CA ILE B 64 -24.92 14.89 -17.80
C ILE B 64 -24.10 14.87 -19.08
N GLN B 65 -23.38 15.96 -19.33
CA GLN B 65 -22.63 16.13 -20.57
C GLN B 65 -21.14 16.09 -20.31
N LYS B 66 -20.38 16.04 -21.39
CA LYS B 66 -18.93 15.87 -21.28
C LYS B 66 -18.33 16.96 -20.40
N GLU B 67 -17.33 16.58 -19.61
CA GLU B 67 -16.60 17.47 -18.72
C GLU B 67 -17.47 18.02 -17.60
N SER B 68 -18.65 17.45 -17.36
CA SER B 68 -19.37 17.76 -16.14
C SER B 68 -18.64 17.15 -14.95
N THR B 69 -18.87 17.73 -13.78
CA THR B 69 -18.21 17.27 -12.55
C THR B 69 -19.28 16.79 -11.58
N LEU B 70 -19.17 15.53 -11.18
CA LEU B 70 -19.97 14.98 -10.09
C LEU B 70 -19.17 15.07 -8.80
N HIS B 71 -19.88 15.14 -7.68
CA HIS B 71 -19.28 15.24 -6.36
C HIS B 71 -19.59 13.98 -5.57
N LEU B 72 -18.54 13.32 -5.07
CA LEU B 72 -18.67 12.08 -4.32
C LEU B 72 -18.69 12.39 -2.82
N VAL B 73 -19.76 11.97 -2.14
CA VAL B 73 -19.83 11.99 -0.69
C VAL B 73 -20.17 10.59 -0.20
N LEU B 74 -20.17 10.41 1.11
CA LEU B 74 -20.51 9.13 1.70
C LEU B 74 -22.02 8.95 1.83
N ARG B 75 -22.45 7.70 1.77
CA ARG B 75 -23.86 7.37 1.98
C ARG B 75 -24.36 7.98 3.28
N LEU B 76 -25.58 8.49 3.26
CA LEU B 76 -26.13 9.20 4.41
C LEU B 76 -27.60 8.82 4.57
N ARG B 77 -28.16 9.24 5.72
CA ARG B 77 -29.56 8.98 6.03
C ARG B 77 -30.09 10.13 6.85
N GLY B 78 -31.18 10.74 6.39
CA GLY B 78 -31.91 11.68 7.23
C GLY B 78 -32.72 10.92 8.27
N GLY B 79 -32.79 11.49 9.47
CA GLY B 79 -33.51 10.87 10.56
C GLY B 79 -34.31 11.85 11.39
N VAL C 28 9.90 7.62 -10.58
CA VAL C 28 9.01 6.48 -10.72
C VAL C 28 9.51 5.32 -9.85
N LEU C 29 8.69 4.29 -9.72
CA LEU C 29 9.02 3.11 -8.91
C LEU C 29 8.71 1.86 -9.72
N GLU C 30 9.58 0.87 -9.60
CA GLU C 30 9.47 -0.37 -10.36
C GLU C 30 9.06 -1.52 -9.45
N CYS C 31 8.50 -2.55 -10.08
CA CYS C 31 8.10 -3.75 -9.37
C CYS C 31 9.31 -4.56 -8.94
N GLY C 32 9.33 -5.00 -7.69
CA GLY C 32 10.49 -5.71 -7.14
C GLY C 32 10.76 -7.06 -7.75
N VAL C 33 9.89 -7.55 -8.64
CA VAL C 33 10.08 -8.86 -9.26
C VAL C 33 10.55 -8.68 -10.70
N CYS C 34 9.66 -8.17 -11.56
CA CYS C 34 10.02 -7.94 -12.96
C CYS C 34 10.90 -6.70 -13.14
N GLU C 35 10.93 -5.81 -12.15
CA GLU C 35 11.68 -4.56 -12.24
C GLU C 35 11.24 -3.71 -13.42
N ASP C 36 10.00 -3.90 -13.88
CA ASP C 36 9.35 -2.95 -14.78
C ASP C 36 8.72 -1.82 -13.96
N VAL C 37 8.35 -0.76 -14.65
CA VAL C 37 7.73 0.39 -13.99
C VAL C 37 6.27 0.09 -13.70
N PHE C 38 5.80 0.53 -12.53
CA PHE C 38 4.38 0.40 -12.21
C PHE C 38 3.56 1.28 -13.14
N SER C 39 2.43 0.76 -13.59
CA SER C 39 1.47 1.52 -14.37
C SER C 39 0.28 1.90 -13.50
N LEU C 40 -0.45 2.93 -13.94
CA LEU C 40 -1.60 3.42 -13.20
C LEU C 40 -2.82 2.53 -13.36
N GLN C 41 -2.80 1.57 -14.29
CA GLN C 41 -3.90 0.64 -14.47
C GLN C 41 -3.42 -0.47 -15.39
N GLY C 42 -4.15 -1.58 -15.36
CA GLY C 42 -3.86 -2.68 -16.26
C GLY C 42 -2.93 -3.73 -15.69
N ASP C 43 -2.16 -4.38 -16.57
CA ASP C 43 -1.34 -5.52 -16.18
C ASP C 43 -0.21 -5.16 -15.22
N LYS C 44 0.20 -3.90 -15.17
CA LYS C 44 1.31 -3.47 -14.33
C LYS C 44 0.85 -2.59 -13.18
N VAL C 45 -0.41 -2.71 -12.78
CA VAL C 45 -0.93 -1.91 -11.68
C VAL C 45 -0.38 -2.47 -10.37
N PRO C 46 0.04 -1.63 -9.43
CA PRO C 46 0.56 -2.14 -8.15
C PRO C 46 -0.57 -2.62 -7.25
N ARG C 47 -0.51 -3.89 -6.86
CA ARG C 47 -1.48 -4.48 -5.94
C ARG C 47 -0.78 -4.90 -4.66
N LEU C 48 -1.56 -5.00 -3.59
CA LEU C 48 -1.05 -5.21 -2.24
C LEU C 48 -1.28 -6.64 -1.77
N LEU C 49 -0.31 -7.16 -1.02
CA LEU C 49 -0.45 -8.41 -0.29
C LEU C 49 -0.66 -8.11 1.18
N LEU C 50 -1.12 -9.12 1.92
CA LEU C 50 -1.49 -8.90 3.32
C LEU C 50 -0.28 -8.51 4.16
N CYS C 51 0.93 -8.89 3.75
CA CYS C 51 2.14 -8.51 4.45
C CYS C 51 2.47 -7.03 4.28
N GLY C 52 1.81 -6.32 3.37
CA GLY C 52 2.05 -4.91 3.16
C GLY C 52 2.94 -4.59 1.99
N HIS C 53 3.49 -5.59 1.30
CA HIS C 53 4.35 -5.36 0.15
C HIS C 53 3.51 -5.26 -1.11
N THR C 54 4.06 -4.56 -2.10
CA THR C 54 3.38 -4.28 -3.35
C THR C 54 4.05 -5.06 -4.48
N VAL C 55 3.24 -5.59 -5.39
CA VAL C 55 3.72 -6.31 -6.56
C VAL C 55 2.80 -5.99 -7.73
N CYS C 56 3.37 -5.94 -8.93
CA CYS C 56 2.57 -5.63 -10.11
C CYS C 56 1.61 -6.77 -10.41
N HIS C 57 0.45 -6.42 -10.98
CA HIS C 57 -0.61 -7.39 -11.25
C HIS C 57 -0.09 -8.59 -12.03
N ASP C 58 0.67 -8.33 -13.10
CA ASP C 58 1.09 -9.40 -13.99
C ASP C 58 1.97 -10.41 -13.27
N CYS C 59 2.97 -9.94 -12.54
CA CYS C 59 3.81 -10.85 -11.75
C CYS C 59 2.95 -11.66 -10.78
N LEU C 60 1.96 -11.03 -10.16
CA LEU C 60 1.10 -11.75 -9.22
C LEU C 60 0.35 -12.89 -9.92
N THR C 61 -0.13 -12.65 -11.15
CA THR C 61 -0.81 -13.72 -11.88
C THR C 61 0.13 -14.86 -12.22
N ARG C 62 1.43 -14.60 -12.34
CA ARG C 62 2.41 -15.61 -12.73
C ARG C 62 3.05 -16.31 -11.53
N LEU C 63 2.68 -15.96 -10.31
CA LEU C 63 3.26 -16.62 -9.17
C LEU C 63 2.63 -18.00 -8.98
N PRO C 64 3.40 -18.97 -8.48
CA PRO C 64 2.84 -20.30 -8.24
C PRO C 64 1.72 -20.22 -7.23
N LEU C 65 0.66 -20.98 -7.49
CA LEU C 65 -0.55 -20.97 -6.67
C LEU C 65 -0.49 -22.12 -5.69
N HIS C 66 -0.46 -21.79 -4.39
CA HIS C 66 -0.39 -22.78 -3.31
C HIS C 66 -1.81 -22.97 -2.83
N GLY C 67 -2.49 -23.96 -3.41
CA GLY C 67 -3.91 -24.14 -3.19
C GLY C 67 -4.66 -22.95 -3.75
N ARG C 68 -5.12 -22.05 -2.88
CA ARG C 68 -5.75 -20.80 -3.32
C ARG C 68 -5.08 -19.63 -2.62
N ALA C 69 -3.76 -19.72 -2.47
CA ALA C 69 -2.96 -18.72 -1.80
C ALA C 69 -1.66 -18.52 -2.58
N ILE C 70 -1.08 -17.34 -2.42
CA ILE C 70 0.23 -17.05 -3.00
C ILE C 70 1.15 -16.59 -1.88
N ARG C 71 2.45 -16.76 -2.12
CA ARG C 71 3.48 -16.37 -1.17
C ARG C 71 4.16 -15.10 -1.65
N CYS C 72 4.32 -14.14 -0.74
CA CYS C 72 5.04 -12.93 -1.06
C CYS C 72 6.48 -13.27 -1.43
N PRO C 73 7.02 -12.74 -2.53
CA PRO C 73 8.42 -13.06 -2.88
C PRO C 73 9.45 -12.51 -1.92
N PHE C 74 9.11 -11.52 -1.10
CA PHE C 74 10.10 -10.87 -0.25
C PHE C 74 10.16 -11.45 1.16
N ASP C 75 9.11 -12.13 1.62
CA ASP C 75 9.10 -12.69 2.96
C ASP C 75 8.43 -14.05 3.02
N ARG C 76 7.93 -14.58 1.91
CA ARG C 76 7.26 -15.87 1.83
C ARG C 76 5.99 -15.94 2.66
N GLN C 77 5.48 -14.80 3.13
CA GLN C 77 4.22 -14.79 3.87
C GLN C 77 3.04 -14.99 2.92
N VAL C 78 2.03 -15.69 3.42
CA VAL C 78 0.92 -16.16 2.61
C VAL C 78 -0.17 -15.10 2.54
N THR C 79 -0.70 -14.89 1.33
CA THR C 79 -1.92 -14.13 1.10
C THR C 79 -2.93 -15.07 0.45
N ASP C 80 -4.10 -15.20 1.07
CA ASP C 80 -5.16 -16.04 0.52
C ASP C 80 -5.93 -15.29 -0.55
N LEU C 81 -6.19 -15.96 -1.67
CA LEU C 81 -6.95 -15.39 -2.78
C LEU C 81 -8.37 -15.90 -2.77
N GLY C 82 -9.32 -15.03 -3.11
CA GLY C 82 -10.71 -15.39 -3.22
C GLY C 82 -11.06 -15.82 -4.63
N ASP C 83 -12.36 -15.89 -4.90
CA ASP C 83 -12.82 -16.29 -6.22
C ASP C 83 -12.33 -15.33 -7.30
N SER C 84 -12.16 -14.05 -6.96
CA SER C 84 -11.65 -13.07 -7.92
C SER C 84 -10.15 -13.20 -8.18
N GLY C 85 -9.46 -14.07 -7.43
CA GLY C 85 -8.03 -14.26 -7.67
C GLY C 85 -7.25 -12.97 -7.45
N VAL C 86 -6.30 -12.73 -8.35
CA VAL C 86 -5.41 -11.58 -8.21
C VAL C 86 -6.20 -10.28 -8.29
N TRP C 87 -7.32 -10.26 -9.01
CA TRP C 87 -8.15 -9.06 -9.08
C TRP C 87 -8.78 -8.73 -7.73
N GLY C 88 -8.91 -9.71 -6.83
CA GLY C 88 -9.41 -9.43 -5.50
C GLY C 88 -8.42 -8.72 -4.61
N LEU C 89 -7.14 -8.73 -4.96
CA LEU C 89 -6.13 -8.01 -4.20
C LEU C 89 -6.27 -6.51 -4.43
N LYS C 90 -6.18 -5.75 -3.34
CA LYS C 90 -6.42 -4.31 -3.40
C LYS C 90 -5.26 -3.58 -4.06
N LYS C 91 -5.58 -2.55 -4.83
CA LYS C 91 -4.55 -1.69 -5.38
C LYS C 91 -3.94 -0.82 -4.28
N ASN C 92 -2.67 -0.45 -4.47
CA ASN C 92 -1.98 0.46 -3.56
C ASN C 92 -2.35 1.88 -3.96
N PHE C 93 -3.48 2.36 -3.42
CA PHE C 93 -4.07 3.62 -3.87
C PHE C 93 -3.16 4.80 -3.56
N ALA C 94 -2.54 4.82 -2.38
CA ALA C 94 -1.66 5.93 -2.04
C ALA C 94 -0.47 6.00 -2.99
N LEU C 95 0.18 4.86 -3.23
CA LEU C 95 1.28 4.82 -4.19
C LEU C 95 0.81 5.30 -5.56
N LEU C 96 -0.39 4.90 -5.99
CA LEU C 96 -0.90 5.33 -7.28
C LEU C 96 -1.11 6.84 -7.32
N GLU C 97 -1.63 7.43 -6.24
CA GLU C 97 -1.81 8.87 -6.20
C GLU C 97 -0.47 9.59 -6.31
N LEU C 98 0.53 9.12 -5.57
CA LEU C 98 1.84 9.75 -5.64
C LEU C 98 2.45 9.62 -7.03
N LEU C 99 2.34 8.43 -7.64
CA LEU C 99 2.88 8.23 -8.97
C LEU C 99 2.20 9.12 -9.99
N GLU C 100 0.87 9.22 -9.92
CA GLU C 100 0.14 10.09 -10.84
C GLU C 100 0.54 11.55 -10.64
N ARG C 101 0.79 11.95 -9.40
CA ARG C 101 1.31 13.29 -9.15
C ARG C 101 2.67 13.49 -9.82
N LEU C 102 3.55 12.49 -9.72
CA LEU C 102 4.85 12.58 -10.38
C LEU C 102 4.69 12.68 -11.89
N GLN C 103 3.66 12.07 -12.45
CA GLN C 103 3.43 12.13 -13.89
C GLN C 103 3.15 13.56 -14.37
N ASN C 104 2.79 14.47 -13.47
CA ASN C 104 2.49 15.85 -13.84
C ASN C 104 3.43 16.81 -13.14
N VAL D 28 6.24 15.13 -2.18
CA VAL D 28 5.80 14.39 -1.01
C VAL D 28 4.28 14.17 -1.06
N LEU D 29 3.77 13.36 -0.15
CA LEU D 29 2.36 13.00 -0.10
C LEU D 29 1.84 13.17 1.31
N GLU D 30 0.60 13.64 1.42
CA GLU D 30 -0.01 13.93 2.72
C GLU D 30 -1.10 12.93 3.06
N CYS D 31 -1.38 12.82 4.35
CA CYS D 31 -2.40 11.93 4.88
C CYS D 31 -3.80 12.48 4.57
N GLY D 32 -4.69 11.62 4.09
CA GLY D 32 -6.02 12.05 3.68
C GLY D 32 -6.91 12.52 4.81
N VAL D 33 -6.47 12.40 6.06
CA VAL D 33 -7.28 12.85 7.19
C VAL D 33 -6.72 14.16 7.75
N CYS D 34 -5.54 14.09 8.37
CA CYS D 34 -4.92 15.29 8.92
C CYS D 34 -4.32 16.19 7.84
N GLU D 35 -4.10 15.65 6.64
CA GLU D 35 -3.49 16.40 5.53
C GLU D 35 -2.10 16.93 5.88
N ASP D 36 -1.42 16.31 6.85
CA ASP D 36 0.01 16.51 7.04
C ASP D 36 0.79 15.58 6.12
N VAL D 37 2.09 15.85 6.00
CA VAL D 37 2.95 15.05 5.15
C VAL D 37 3.32 13.76 5.86
N PHE D 38 3.34 12.66 5.11
CA PHE D 38 3.79 11.39 5.67
C PHE D 38 5.26 11.45 6.02
N SER D 39 5.61 10.86 7.15
CA SER D 39 7.00 10.67 7.55
C SER D 39 7.42 9.23 7.30
N LEU D 40 8.74 9.03 7.20
CA LEU D 40 9.26 7.69 6.95
C LEU D 40 9.23 6.80 8.19
N GLN D 41 8.94 7.37 9.35
CA GLN D 41 8.85 6.62 10.60
C GLN D 41 8.22 7.51 11.65
N GLY D 42 7.72 6.88 12.71
CA GLY D 42 7.15 7.63 13.81
C GLY D 42 5.66 7.85 13.71
N ASP D 43 5.18 8.97 14.27
CA ASP D 43 3.75 9.22 14.36
C ASP D 43 3.08 9.42 13.01
N LYS D 44 3.83 9.77 11.97
CA LYS D 44 3.26 10.06 10.66
C LYS D 44 3.63 9.01 9.61
N VAL D 45 3.94 7.79 10.04
CA VAL D 45 4.32 6.74 9.10
C VAL D 45 3.06 6.25 8.40
N PRO D 46 3.08 6.02 7.08
CA PRO D 46 1.88 5.52 6.40
C PRO D 46 1.65 4.04 6.70
N ARG D 47 0.46 3.74 7.23
CA ARG D 47 0.06 2.36 7.48
C ARG D 47 -1.16 2.02 6.63
N LEU D 48 -1.34 0.71 6.41
CA LEU D 48 -2.35 0.19 5.50
C LEU D 48 -3.53 -0.41 6.25
N LEU D 49 -4.71 -0.25 5.68
CA LEU D 49 -5.92 -0.94 6.10
C LEU D 49 -6.23 -2.04 5.10
N LEU D 50 -7.08 -2.98 5.51
CA LEU D 50 -7.36 -4.14 4.65
C LEU D 50 -8.02 -3.73 3.35
N CYS D 51 -8.73 -2.59 3.34
CA CYS D 51 -9.33 -2.08 2.12
C CYS D 51 -8.30 -1.55 1.13
N GLY D 52 -7.03 -1.41 1.53
CA GLY D 52 -5.99 -0.94 0.64
C GLY D 52 -5.65 0.53 0.76
N HIS D 53 -6.37 1.28 1.59
CA HIS D 53 -6.07 2.69 1.76
C HIS D 53 -5.03 2.89 2.85
N THR D 54 -4.33 4.02 2.76
CA THR D 54 -3.25 4.36 3.67
C THR D 54 -3.65 5.53 4.54
N VAL D 55 -3.27 5.47 5.82
CA VAL D 55 -3.54 6.52 6.79
C VAL D 55 -2.33 6.62 7.70
N CYS D 56 -2.02 7.83 8.16
CA CYS D 56 -0.87 8.02 9.03
C CYS D 56 -1.13 7.39 10.38
N HIS D 57 -0.06 6.93 11.02
CA HIS D 57 -0.17 6.21 12.29
C HIS D 57 -0.98 7.01 13.31
N ASP D 58 -0.67 8.30 13.46
CA ASP D 58 -1.31 9.10 14.50
C ASP D 58 -2.81 9.21 14.26
N CYS D 59 -3.22 9.52 13.04
CA CYS D 59 -4.65 9.54 12.71
C CYS D 59 -5.30 8.20 13.01
N LEU D 60 -4.62 7.10 12.69
CA LEU D 60 -5.19 5.78 12.97
C LEU D 60 -5.41 5.58 14.47
N THR D 61 -4.47 6.03 15.30
CA THR D 61 -4.65 5.87 16.74
C THR D 61 -5.85 6.67 17.26
N ARG D 62 -6.25 7.71 16.54
CA ARG D 62 -7.33 8.58 16.98
C ARG D 62 -8.69 8.17 16.41
N LEU D 63 -8.75 7.12 15.62
CA LEU D 63 -10.03 6.69 15.09
C LEU D 63 -10.83 5.96 16.17
N PRO D 64 -12.15 6.07 16.17
CA PRO D 64 -12.95 5.37 17.18
C PRO D 64 -12.76 3.86 17.08
N LEU D 65 -12.57 3.23 18.24
CA LEU D 65 -12.35 1.79 18.32
C LEU D 65 -13.62 1.13 18.83
N HIS D 66 -14.29 0.36 17.97
CA HIS D 66 -15.50 -0.37 18.35
C HIS D 66 -15.18 -1.86 18.45
N GLY D 67 -14.76 -2.31 19.63
CA GLY D 67 -14.42 -3.70 19.83
C GLY D 67 -13.30 -4.18 18.92
N ARG D 68 -12.09 -3.66 19.14
CA ARG D 68 -10.92 -4.09 18.38
C ARG D 68 -11.12 -3.94 16.87
N ALA D 69 -11.87 -2.92 16.46
CA ALA D 69 -12.09 -2.67 15.04
C ALA D 69 -12.11 -1.18 14.78
N ILE D 70 -11.63 -0.79 13.61
CA ILE D 70 -11.71 0.60 13.17
C ILE D 70 -12.31 0.61 11.78
N ARG D 71 -12.93 1.74 11.42
CA ARG D 71 -13.53 1.91 10.11
C ARG D 71 -12.65 2.83 9.27
N CYS D 72 -12.40 2.45 8.03
CA CYS D 72 -11.64 3.30 7.12
C CYS D 72 -12.40 4.61 6.91
N PRO D 73 -11.73 5.77 6.98
CA PRO D 73 -12.46 7.03 6.77
C PRO D 73 -12.96 7.22 5.35
N PHE D 74 -12.43 6.51 4.36
CA PHE D 74 -12.79 6.77 2.98
C PHE D 74 -13.90 5.86 2.48
N ASP D 75 -14.11 4.71 3.11
CA ASP D 75 -15.13 3.76 2.66
C ASP D 75 -15.88 3.08 3.80
N ARG D 76 -15.57 3.39 5.06
CA ARG D 76 -16.21 2.82 6.24
C ARG D 76 -16.03 1.32 6.36
N GLN D 77 -15.12 0.72 5.60
CA GLN D 77 -14.83 -0.71 5.72
C GLN D 77 -14.00 -0.98 6.97
N VAL D 78 -14.26 -2.11 7.60
CA VAL D 78 -13.71 -2.42 8.91
C VAL D 78 -12.37 -3.13 8.76
N THR D 79 -11.41 -2.70 9.58
CA THR D 79 -10.17 -3.43 9.80
C THR D 79 -10.11 -3.81 11.27
N ASP D 80 -9.98 -5.10 11.55
CA ASP D 80 -9.85 -5.58 12.91
C ASP D 80 -8.41 -5.46 13.36
N LEU D 81 -8.21 -5.00 14.59
CA LEU D 81 -6.88 -4.80 15.16
C LEU D 81 -6.51 -5.98 16.04
N GLY D 82 -5.24 -6.35 16.00
CA GLY D 82 -4.69 -7.40 16.83
C GLY D 82 -4.14 -6.88 18.14
N ASP D 83 -3.35 -7.73 18.80
CA ASP D 83 -2.74 -7.35 20.07
C ASP D 83 -1.83 -6.15 19.94
N SER D 84 -1.18 -6.00 18.78
CA SER D 84 -0.31 -4.85 18.54
C SER D 84 -1.08 -3.57 18.25
N GLY D 85 -2.39 -3.64 18.13
CA GLY D 85 -3.18 -2.44 17.86
C GLY D 85 -2.79 -1.82 16.52
N VAL D 86 -2.71 -0.49 16.51
CA VAL D 86 -2.40 0.23 15.27
C VAL D 86 -1.00 -0.12 14.77
N TRP D 87 -0.09 -0.46 15.69
CA TRP D 87 1.24 -0.88 15.27
C TRP D 87 1.21 -2.19 14.49
N GLY D 88 0.15 -2.98 14.64
CA GLY D 88 0.01 -4.20 13.87
C GLY D 88 -0.37 -3.96 12.42
N LEU D 89 -0.86 -2.76 12.09
CA LEU D 89 -1.16 -2.45 10.70
C LEU D 89 0.12 -2.29 9.92
N LYS D 90 0.17 -2.88 8.74
CA LYS D 90 1.41 -2.91 7.97
C LYS D 90 1.71 -1.55 7.38
N LYS D 91 2.99 -1.20 7.36
CA LYS D 91 3.42 0.01 6.68
C LYS D 91 3.29 -0.17 5.18
N ASN D 92 3.06 0.94 4.49
CA ASN D 92 3.03 0.93 3.03
C ASN D 92 4.48 1.02 2.55
N PHE D 93 5.12 -0.16 2.42
CA PHE D 93 6.55 -0.20 2.16
C PHE D 93 6.89 0.39 0.80
N ALA D 94 6.07 0.12 -0.22
CA ALA D 94 6.34 0.67 -1.54
C ALA D 94 6.28 2.19 -1.52
N LEU D 95 5.22 2.74 -0.93
CA LEU D 95 5.11 4.19 -0.79
C LEU D 95 6.32 4.76 -0.06
N LEU D 96 6.77 4.07 1.00
CA LEU D 96 7.92 4.56 1.74
C LEU D 96 9.18 4.56 0.87
N GLU D 97 9.36 3.51 0.06
CA GLU D 97 10.50 3.48 -0.85
C GLU D 97 10.46 4.64 -1.83
N LEU D 98 9.30 4.92 -2.40
CA LEU D 98 9.19 6.03 -3.34
C LEU D 98 9.45 7.36 -2.65
N LEU D 99 8.89 7.55 -1.46
CA LEU D 99 9.09 8.82 -0.74
C LEU D 99 10.56 9.02 -0.40
N GLU D 100 11.23 7.98 0.08
CA GLU D 100 12.66 8.10 0.36
C GLU D 100 13.44 8.39 -0.91
N ARG D 101 13.04 7.81 -2.04
CA ARG D 101 13.70 8.13 -3.30
C ARG D 101 13.52 9.61 -3.65
N LEU D 102 12.30 10.14 -3.48
CA LEU D 102 12.08 11.55 -3.76
C LEU D 102 12.90 12.43 -2.82
N GLN D 103 13.10 12.00 -1.58
CA GLN D 103 13.89 12.77 -0.62
C GLN D 103 15.36 12.83 -1.01
N ASN D 104 15.83 11.95 -1.89
CA ASN D 104 17.24 11.93 -2.29
C ASN D 104 17.38 12.14 -3.79
N ALA E 2 -5.89 19.68 14.55
CA ALA E 2 -7.23 20.17 14.21
C ALA E 2 -7.14 21.43 13.37
N LEU E 3 -6.41 22.42 13.89
CA LEU E 3 -6.36 23.72 13.23
C LEU E 3 -5.76 23.62 11.84
N LYS E 4 -4.75 22.78 11.67
CA LYS E 4 -4.11 22.64 10.36
C LYS E 4 -5.11 22.20 9.31
N ARG E 5 -5.93 21.20 9.62
CA ARG E 5 -6.94 20.75 8.66
C ARG E 5 -8.00 21.81 8.43
N ILE E 6 -8.43 22.51 9.49
CA ILE E 6 -9.40 23.59 9.29
C ILE E 6 -8.86 24.61 8.31
N HIS E 7 -7.58 24.96 8.45
CA HIS E 7 -6.94 25.87 7.52
C HIS E 7 -6.92 25.29 6.10
N LYS E 8 -6.61 24.00 5.98
CA LYS E 8 -6.60 23.37 4.66
C LYS E 8 -7.96 23.46 3.99
N GLU E 9 -9.02 23.09 4.72
CA GLU E 9 -10.37 23.19 4.18
C GLU E 9 -10.69 24.63 3.77
N LEU E 10 -10.22 25.60 4.56
CA LEU E 10 -10.46 27.00 4.20
C LEU E 10 -9.77 27.35 2.89
N ASN E 11 -8.47 27.03 2.78
CA ASN E 11 -7.73 27.29 1.56
C ASN E 11 -8.45 26.69 0.36
N ASP E 12 -8.92 25.44 0.49
CA ASP E 12 -9.64 24.80 -0.61
C ASP E 12 -10.93 25.54 -0.93
N LEU E 13 -11.67 25.97 0.10
CA LEU E 13 -12.93 26.66 -0.13
C LEU E 13 -12.72 28.01 -0.79
N ALA E 14 -11.60 28.69 -0.51
CA ALA E 14 -11.33 29.97 -1.16
C ALA E 14 -10.85 29.76 -2.60
N ARG E 15 -9.97 28.78 -2.82
CA ARG E 15 -9.38 28.59 -4.15
C ARG E 15 -10.38 28.02 -5.14
N ASP E 16 -11.08 26.95 -4.77
CA ASP E 16 -11.96 26.24 -5.69
C ASP E 16 -13.11 25.62 -4.91
N PRO E 17 -14.11 26.43 -4.56
CA PRO E 17 -15.27 25.91 -3.86
C PRO E 17 -16.25 25.28 -4.83
N PRO E 18 -17.10 24.36 -4.36
CA PRO E 18 -18.17 23.86 -5.22
C PRO E 18 -19.20 24.95 -5.50
N ALA E 19 -19.81 24.87 -6.68
CA ALA E 19 -20.73 25.92 -7.12
C ALA E 19 -21.91 26.08 -6.18
N GLN E 20 -22.19 25.08 -5.35
CA GLN E 20 -23.42 25.06 -4.56
C GLN E 20 -23.29 25.76 -3.22
N CYS E 21 -22.11 25.78 -2.60
CA CYS E 21 -22.00 26.22 -1.21
C CYS E 21 -20.75 27.05 -1.00
N ARG E 22 -20.77 27.81 0.10
CA ARG E 22 -19.65 28.61 0.55
C ARG E 22 -19.59 28.54 2.06
N ALA E 23 -18.39 28.64 2.62
CA ALA E 23 -18.26 28.63 4.07
C ALA E 23 -16.98 29.33 4.47
N GLY E 24 -17.01 29.97 5.64
CA GLY E 24 -15.84 30.62 6.16
C GLY E 24 -16.03 31.13 7.57
N PRO E 25 -14.93 31.31 8.30
CA PRO E 25 -15.04 31.76 9.70
C PRO E 25 -15.56 33.18 9.76
N VAL E 26 -16.60 33.37 10.55
CA VAL E 26 -17.10 34.72 10.83
C VAL E 26 -16.24 35.33 11.93
N GLY E 27 -15.71 36.52 11.66
CA GLY E 27 -14.82 37.14 12.62
C GLY E 27 -13.46 36.47 12.66
N ASP E 28 -12.87 36.47 13.85
CA ASP E 28 -11.52 35.91 14.04
C ASP E 28 -11.54 34.46 14.49
N ASP E 29 -12.70 33.89 14.77
CA ASP E 29 -12.78 32.55 15.36
C ASP E 29 -12.71 31.51 14.25
N MET E 30 -11.65 30.68 14.29
CA MET E 30 -11.50 29.62 13.31
C MET E 30 -12.46 28.45 13.55
N PHE E 31 -12.97 28.32 14.77
CA PHE E 31 -13.84 27.20 15.14
C PHE E 31 -15.32 27.52 15.00
N HIS E 32 -15.67 28.73 14.57
CA HIS E 32 -17.06 29.10 14.31
C HIS E 32 -17.13 29.66 12.90
N TRP E 33 -17.84 28.95 12.03
CA TRP E 33 -17.98 29.36 10.63
C TRP E 33 -19.43 29.66 10.31
N GLN E 34 -19.59 30.45 9.25
CA GLN E 34 -20.87 30.68 8.59
C GLN E 34 -20.83 29.98 7.24
N ALA E 35 -21.95 29.36 6.86
CA ALA E 35 -22.06 28.65 5.61
C ALA E 35 -23.28 29.16 4.85
N THR E 36 -23.20 29.00 3.52
CA THR E 36 -24.24 29.43 2.60
C THR E 36 -24.48 28.30 1.63
N ILE E 37 -25.75 27.94 1.47
CA ILE E 37 -26.19 26.90 0.55
C ILE E 37 -27.21 27.51 -0.40
N MET E 38 -27.06 27.22 -1.69
CA MET E 38 -28.03 27.63 -2.69
C MET E 38 -29.02 26.49 -2.89
N GLY E 39 -30.31 26.82 -2.83
CA GLY E 39 -31.34 25.85 -3.09
C GLY E 39 -31.16 25.24 -4.47
N PRO E 40 -31.19 23.92 -4.57
CA PRO E 40 -30.99 23.28 -5.88
C PRO E 40 -32.10 23.65 -6.86
N ASN E 41 -31.74 23.69 -8.13
CA ASN E 41 -32.70 24.03 -9.18
C ASN E 41 -33.75 22.93 -9.32
N ASP E 42 -34.85 23.28 -9.98
CA ASP E 42 -35.96 22.36 -10.20
C ASP E 42 -36.41 21.73 -8.88
N SER E 43 -36.58 22.59 -7.87
CA SER E 43 -37.00 22.15 -6.55
C SER E 43 -37.74 23.29 -5.88
N PRO E 44 -38.55 23.00 -4.86
CA PRO E 44 -39.24 24.09 -4.14
C PRO E 44 -38.30 25.12 -3.54
N TYR E 45 -37.05 24.76 -3.30
CA TYR E 45 -36.06 25.69 -2.74
C TYR E 45 -35.30 26.45 -3.82
N GLN E 46 -35.62 26.22 -5.09
CA GLN E 46 -34.92 26.87 -6.19
C GLN E 46 -34.88 28.38 -5.98
N GLY E 47 -33.70 28.95 -6.20
CA GLY E 47 -33.49 30.38 -6.03
C GLY E 47 -33.24 30.83 -4.61
N GLY E 48 -33.41 29.95 -3.62
CA GLY E 48 -33.18 30.34 -2.24
C GLY E 48 -31.71 30.39 -1.88
N VAL E 49 -31.43 31.10 -0.80
CA VAL E 49 -30.09 31.19 -0.21
C VAL E 49 -30.25 30.98 1.29
N PHE E 50 -29.70 29.89 1.80
CA PHE E 50 -29.88 29.48 3.18
C PHE E 50 -28.55 29.55 3.91
N PHE E 51 -28.55 30.15 5.09
CA PHE E 51 -27.35 30.30 5.89
C PHE E 51 -27.35 29.26 7.01
N LEU E 52 -26.14 28.90 7.46
CA LEU E 52 -25.95 27.91 8.50
C LEU E 52 -24.79 28.32 9.37
N THR E 53 -24.79 27.82 10.60
CA THR E 53 -23.67 27.95 11.52
C THR E 53 -22.96 26.61 11.65
N ILE E 54 -21.64 26.67 11.74
CA ILE E 54 -20.79 25.51 11.93
C ILE E 54 -19.92 25.74 13.15
N HIS E 55 -19.85 24.76 14.04
CA HIS E 55 -18.99 24.81 15.21
C HIS E 55 -18.10 23.58 15.21
N PHE E 56 -16.80 23.81 15.19
CA PHE E 56 -15.83 22.72 15.14
C PHE E 56 -15.47 22.29 16.56
N PRO E 57 -15.57 21.00 16.91
CA PRO E 57 -15.07 20.55 18.21
C PRO E 57 -13.56 20.65 18.26
N THR E 58 -13.02 20.53 19.47
CA THR E 58 -11.60 20.72 19.66
C THR E 58 -10.78 19.64 18.95
N ASP E 59 -11.31 18.41 18.90
CA ASP E 59 -10.60 17.29 18.28
C ASP E 59 -11.13 16.96 16.88
N TYR E 60 -11.72 17.94 16.22
CA TYR E 60 -12.00 17.82 14.79
C TYR E 60 -10.70 17.46 14.07
N PRO E 61 -10.76 16.61 13.03
CA PRO E 61 -11.90 16.00 12.34
C PRO E 61 -12.35 14.65 12.90
N PHE E 62 -11.86 14.27 14.08
CA PHE E 62 -12.21 12.98 14.64
C PHE E 62 -13.56 12.99 15.34
N LYS E 63 -14.08 14.17 15.68
CA LYS E 63 -15.48 14.33 16.07
C LYS E 63 -16.19 15.19 15.05
N PRO E 64 -17.49 14.96 14.81
CA PRO E 64 -18.19 15.72 13.77
C PRO E 64 -18.38 17.17 14.16
N PRO E 65 -18.57 18.05 13.20
CA PRO E 65 -18.92 19.44 13.52
C PRO E 65 -20.41 19.58 13.79
N LYS E 66 -20.75 20.62 14.54
CA LYS E 66 -22.14 20.96 14.82
C LYS E 66 -22.61 21.92 13.73
N VAL E 67 -23.56 21.47 12.91
CA VAL E 67 -24.07 22.25 11.80
C VAL E 67 -25.56 22.50 12.04
N ALA E 68 -25.98 23.76 11.88
CA ALA E 68 -27.39 24.11 12.08
C ALA E 68 -27.81 25.18 11.09
N PHE E 69 -29.04 25.09 10.60
CA PHE E 69 -29.61 26.12 9.75
C PHE E 69 -29.99 27.34 10.59
N THR E 70 -29.59 28.53 10.12
CA THR E 70 -30.09 29.77 10.68
C THR E 70 -31.26 30.34 9.90
N THR E 71 -31.35 30.04 8.61
CA THR E 71 -32.50 30.42 7.80
C THR E 71 -33.62 29.41 7.98
N ARG E 72 -34.83 29.90 8.25
CA ARG E 72 -35.98 29.02 8.35
C ARG E 72 -36.19 28.28 7.04
N ILE E 73 -36.43 26.98 7.12
CA ILE E 73 -36.61 26.15 5.95
C ILE E 73 -37.65 25.08 6.25
N TYR E 74 -38.39 24.69 5.21
CA TYR E 74 -39.49 23.73 5.33
C TYR E 74 -38.98 22.36 4.85
N HIS E 75 -38.76 21.45 5.80
CA HIS E 75 -38.20 20.15 5.46
C HIS E 75 -38.55 19.14 6.53
N PRO E 76 -38.80 17.87 6.18
CA PRO E 76 -39.10 16.87 7.23
C PRO E 76 -37.98 16.64 8.22
N ASN E 77 -36.72 16.67 7.76
CA ASN E 77 -35.58 16.34 8.60
C ASN E 77 -34.87 17.57 9.17
N ILE E 78 -35.50 18.74 9.08
CA ILE E 78 -34.96 19.97 9.65
C ILE E 78 -36.09 20.65 10.40
N ASN E 79 -35.83 21.03 11.65
CA ASN E 79 -36.86 21.59 12.52
C ASN E 79 -36.79 23.12 12.53
N SER E 80 -37.69 23.73 13.31
CA SER E 80 -37.79 25.19 13.34
C SER E 80 -36.54 25.84 13.92
N ASN E 81 -35.84 25.16 14.82
CA ASN E 81 -34.61 25.69 15.39
C ASN E 81 -33.41 25.51 14.47
N GLY E 82 -33.60 24.93 13.28
CA GLY E 82 -32.51 24.74 12.34
C GLY E 82 -31.70 23.49 12.57
N SER E 83 -32.08 22.63 13.50
CA SER E 83 -31.33 21.41 13.74
C SER E 83 -31.54 20.43 12.60
N ILE E 84 -30.47 19.72 12.24
CA ILE E 84 -30.48 18.76 11.15
C ILE E 84 -30.24 17.39 11.76
N LYS E 85 -31.21 16.49 11.61
CA LYS E 85 -31.02 15.10 12.03
C LYS E 85 -30.51 14.34 10.83
N LEU E 86 -29.20 14.10 10.81
CA LEU E 86 -28.52 13.49 9.68
C LEU E 86 -27.40 12.63 10.24
N ASP E 87 -27.31 11.39 9.75
CA ASP E 87 -26.46 10.40 10.41
C ASP E 87 -24.97 10.75 10.29
N ILE E 88 -24.54 11.37 9.18
CA ILE E 88 -23.14 11.75 9.05
C ILE E 88 -22.73 12.84 10.03
N LEU E 89 -23.69 13.53 10.66
CA LEU E 89 -23.40 14.45 11.74
C LEU E 89 -23.37 13.76 13.10
N ARG E 90 -23.81 12.51 13.17
CA ARG E 90 -23.79 11.75 14.41
C ARG E 90 -22.89 10.53 14.28
N SER E 91 -23.48 9.36 14.16
CA SER E 91 -22.73 8.11 14.25
C SER E 91 -22.11 7.68 12.92
N GLN E 92 -22.51 8.27 11.80
CA GLN E 92 -21.91 7.96 10.51
C GLN E 92 -20.93 9.02 10.05
N TRP E 93 -20.44 9.85 10.97
CA TRP E 93 -19.39 10.80 10.63
C TRP E 93 -18.11 10.07 10.22
N SER E 94 -17.39 10.65 9.28
CA SER E 94 -16.09 10.15 8.87
C SER E 94 -15.07 11.28 8.96
N PRO E 95 -13.91 11.06 9.59
CA PRO E 95 -12.89 12.12 9.63
C PRO E 95 -12.47 12.62 8.26
N ALA E 96 -12.71 11.86 7.19
CA ALA E 96 -12.37 12.31 5.85
C ALA E 96 -13.39 13.28 5.27
N LEU E 97 -14.57 13.39 5.88
CA LEU E 97 -15.56 14.36 5.41
C LEU E 97 -15.13 15.78 5.76
N THR E 98 -15.22 16.67 4.78
CA THR E 98 -14.94 18.08 4.96
C THR E 98 -16.25 18.86 5.01
N ILE E 99 -16.15 20.13 5.43
CA ILE E 99 -17.34 20.97 5.51
C ILE E 99 -18.02 21.07 4.16
N SER E 100 -17.22 21.19 3.09
CA SER E 100 -17.79 21.25 1.74
C SER E 100 -18.62 20.00 1.45
N LYS E 101 -18.04 18.82 1.71
CA LYS E 101 -18.78 17.58 1.51
C LYS E 101 -20.05 17.54 2.34
N VAL E 102 -19.98 18.04 3.57
CA VAL E 102 -21.17 18.05 4.44
C VAL E 102 -22.26 18.93 3.86
N LEU E 103 -21.88 20.10 3.32
CA LEU E 103 -22.88 20.99 2.78
C LEU E 103 -23.53 20.42 1.52
N LEU E 104 -22.71 19.87 0.61
CA LEU E 104 -23.27 19.16 -0.53
C LEU E 104 -24.21 18.05 -0.07
N SER E 105 -23.81 17.30 0.96
CA SER E 105 -24.68 16.29 1.53
C SER E 105 -26.01 16.88 1.95
N ILE E 106 -25.97 18.05 2.59
CA ILE E 106 -27.20 18.67 3.10
C ILE E 106 -28.10 19.10 1.96
N CYS E 107 -27.53 19.61 0.85
CA CYS E 107 -28.36 19.92 -0.32
C CYS E 107 -29.04 18.67 -0.85
N SER E 108 -28.23 17.62 -1.12
CA SER E 108 -28.80 16.37 -1.59
C SER E 108 -29.91 15.90 -0.66
N LEU E 109 -29.79 16.21 0.64
CA LEU E 109 -30.88 15.90 1.56
C LEU E 109 -32.08 16.83 1.35
N LEU E 110 -31.83 18.09 0.99
CA LEU E 110 -32.93 19.01 0.71
C LEU E 110 -33.84 18.43 -0.35
N CYS E 111 -33.27 17.87 -1.42
CA CYS E 111 -34.13 17.34 -2.47
C CYS E 111 -34.49 15.87 -2.32
N ASP E 112 -33.96 15.18 -1.31
CA ASP E 112 -34.24 13.75 -1.09
C ASP E 112 -34.46 13.51 0.40
N PRO E 113 -35.59 13.93 0.93
CA PRO E 113 -35.84 13.78 2.37
C PRO E 113 -36.17 12.35 2.73
N ASN E 114 -36.18 12.10 4.05
CA ASN E 114 -36.56 10.80 4.62
C ASN E 114 -37.82 11.02 5.45
N PRO E 115 -39.01 10.89 4.86
CA PRO E 115 -40.25 11.07 5.65
C PRO E 115 -40.53 9.93 6.60
N ASP E 116 -39.98 8.73 6.35
CA ASP E 116 -40.30 7.58 7.18
C ASP E 116 -39.83 7.76 8.62
N ASP E 117 -38.63 8.33 8.79
CA ASP E 117 -38.06 8.62 10.10
C ASP E 117 -37.84 10.12 10.18
N PRO E 118 -38.88 10.90 10.47
CA PRO E 118 -38.78 12.35 10.31
C PRO E 118 -38.44 13.10 11.60
N LEU E 119 -37.81 14.26 11.45
CA LEU E 119 -37.62 15.15 12.58
C LEU E 119 -38.87 15.98 12.85
N VAL E 120 -39.61 16.32 11.80
CA VAL E 120 -40.87 17.05 11.91
C VAL E 120 -41.98 16.16 11.36
N PRO E 121 -42.73 15.47 12.23
CA PRO E 121 -43.72 14.51 11.72
C PRO E 121 -44.79 15.14 10.84
N GLU E 122 -45.26 16.35 11.17
CA GLU E 122 -46.32 16.98 10.37
C GLU E 122 -45.86 17.18 8.94
N ILE E 123 -44.70 17.81 8.75
CA ILE E 123 -44.18 18.06 7.41
C ILE E 123 -44.05 16.74 6.65
N ALA E 124 -43.63 15.68 7.34
CA ALA E 124 -43.54 14.37 6.69
C ALA E 124 -44.91 13.89 6.25
N ARG E 125 -45.93 14.08 7.08
CA ARG E 125 -47.29 13.71 6.69
C ARG E 125 -47.71 14.44 5.44
N ILE E 126 -47.44 15.75 5.36
CA ILE E 126 -47.74 16.50 4.15
C ILE E 126 -46.97 15.93 2.96
N TYR E 127 -45.70 15.60 3.17
CA TYR E 127 -44.85 15.11 2.08
C TYR E 127 -45.38 13.80 1.51
N LYS E 128 -45.79 12.88 2.38
CA LYS E 128 -46.25 11.58 1.92
C LYS E 128 -47.67 11.65 1.35
N THR E 129 -48.57 12.36 2.03
CA THR E 129 -49.97 12.38 1.62
C THR E 129 -50.21 13.31 0.44
N ASP E 130 -49.78 14.56 0.56
CA ASP E 130 -50.06 15.60 -0.45
C ASP E 130 -48.74 16.28 -0.83
N ARG E 131 -48.13 15.83 -1.93
CA ARG E 131 -46.86 16.39 -2.35
C ARG E 131 -47.03 17.80 -2.90
N GLU E 132 -48.10 18.05 -3.65
CA GLU E 132 -48.32 19.38 -4.22
C GLU E 132 -48.34 20.44 -3.11
N LYS E 133 -49.09 20.17 -2.04
CA LYS E 133 -49.13 21.11 -0.92
C LYS E 133 -47.74 21.29 -0.31
N TYR E 134 -47.00 20.20 -0.15
CA TYR E 134 -45.64 20.28 0.40
C TYR E 134 -44.78 21.21 -0.45
N ASN E 135 -44.79 21.02 -1.77
CA ASN E 135 -43.98 21.87 -2.65
C ASN E 135 -44.44 23.32 -2.56
N ARG E 136 -45.74 23.56 -2.50
CA ARG E 136 -46.24 24.91 -2.37
C ARG E 136 -45.71 25.58 -1.10
N ILE E 137 -45.86 24.90 0.04
CA ILE E 137 -45.45 25.50 1.31
C ILE E 137 -43.94 25.70 1.33
N ALA E 138 -43.18 24.74 0.81
CA ALA E 138 -41.73 24.88 0.76
C ALA E 138 -41.32 26.07 -0.11
N ARG E 139 -41.99 26.25 -1.25
CA ARG E 139 -41.69 27.39 -2.10
C ARG E 139 -42.02 28.70 -1.40
N GLU E 140 -43.17 28.76 -0.71
CA GLU E 140 -43.53 29.96 0.03
C GLU E 140 -42.48 30.28 1.09
N TRP E 141 -42.13 29.29 1.91
CA TRP E 141 -41.10 29.49 2.92
C TRP E 141 -39.81 29.97 2.29
N THR E 142 -39.43 29.39 1.15
CA THR E 142 -38.22 29.81 0.46
C THR E 142 -38.29 31.29 0.07
N GLN E 143 -39.42 31.72 -0.49
CA GLN E 143 -39.56 33.12 -0.90
C GLN E 143 -39.52 34.05 0.31
N LYS E 144 -40.27 33.73 1.36
CA LYS E 144 -40.37 34.62 2.51
C LYS E 144 -39.04 34.71 3.25
N TYR E 145 -38.45 33.57 3.59
CA TYR E 145 -37.32 33.53 4.51
C TYR E 145 -35.96 33.53 3.82
N ALA E 146 -35.86 33.09 2.57
CA ALA E 146 -34.58 32.89 1.92
C ALA E 146 -34.39 33.76 0.67
N MET E 147 -35.15 34.83 0.54
CA MET E 147 -35.02 35.72 -0.62
C MET E 147 -35.31 37.17 -0.22
N HIS F 3 28.15 3.99 19.27
CA HIS F 3 27.06 4.08 18.25
C HIS F 3 27.66 4.27 16.86
N MET F 4 27.28 3.39 15.95
CA MET F 4 27.81 3.41 14.59
C MET F 4 26.68 3.15 13.61
N GLN F 5 26.97 3.36 12.33
CA GLN F 5 26.05 3.04 11.24
C GLN F 5 26.63 1.93 10.40
N ILE F 6 25.78 0.98 10.02
CA ILE F 6 26.15 -0.07 9.07
C ILE F 6 25.15 -0.05 7.92
N PHE F 7 25.47 -0.82 6.89
CA PHE F 7 24.62 -0.94 5.72
C PHE F 7 24.07 -2.35 5.61
N VAL F 8 22.88 -2.46 5.01
CA VAL F 8 22.28 -3.76 4.68
C VAL F 8 21.70 -3.66 3.29
N LYS F 9 22.10 -4.59 2.42
CA LYS F 9 21.56 -4.69 1.07
C LYS F 9 20.36 -5.64 1.13
N THR F 10 19.16 -5.09 0.95
CA THR F 10 17.93 -5.85 1.10
C THR F 10 17.70 -6.74 -0.11
N LEU F 11 16.57 -7.47 -0.10
CA LEU F 11 16.27 -8.39 -1.19
C LEU F 11 16.09 -7.65 -2.51
N THR F 12 15.38 -6.52 -2.48
CA THR F 12 15.14 -5.75 -3.69
C THR F 12 16.40 -5.10 -4.24
N GLY F 13 17.50 -5.13 -3.50
CA GLY F 13 18.74 -4.50 -3.91
C GLY F 13 18.97 -3.13 -3.31
N LYS F 14 17.96 -2.51 -2.70
CA LYS F 14 18.15 -1.20 -2.12
C LYS F 14 18.98 -1.29 -0.84
N THR F 15 19.79 -0.28 -0.61
CA THR F 15 20.74 -0.24 0.51
C THR F 15 20.15 0.60 1.62
N ILE F 16 20.06 0.02 2.82
CA ILE F 16 19.52 0.72 3.98
C ILE F 16 20.62 0.92 5.00
N THR F 17 20.46 1.95 5.82
CA THR F 17 21.42 2.29 6.87
C THR F 17 20.81 2.00 8.23
N LEU F 18 21.60 1.38 9.10
CA LEU F 18 21.14 0.93 10.41
C LEU F 18 22.01 1.54 11.50
N GLU F 19 21.34 2.00 12.56
CA GLU F 19 21.99 2.54 13.75
C GLU F 19 22.20 1.40 14.73
N VAL F 20 23.46 0.98 14.93
CA VAL F 20 23.78 -0.20 15.70
C VAL F 20 24.94 0.08 16.66
N GLU F 21 25.18 -0.89 17.54
CA GLU F 21 26.27 -0.90 18.49
C GLU F 21 27.03 -2.22 18.38
N PRO F 22 28.32 -2.24 18.73
CA PRO F 22 29.04 -3.52 18.71
C PRO F 22 28.40 -4.61 19.54
N SER F 23 27.76 -4.25 20.65
CA SER F 23 27.15 -5.25 21.52
C SER F 23 25.88 -5.84 20.94
N ASP F 24 25.26 -5.18 19.96
CA ASP F 24 24.00 -5.65 19.41
C ASP F 24 24.14 -7.06 18.84
N THR F 25 23.19 -7.92 19.17
CA THR F 25 23.13 -9.26 18.63
C THR F 25 22.59 -9.24 17.21
N ILE F 26 22.77 -10.36 16.50
CA ILE F 26 22.25 -10.47 15.14
C ILE F 26 20.73 -10.44 15.15
N GLU F 27 20.10 -11.02 16.18
CA GLU F 27 18.64 -11.02 16.24
C GLU F 27 18.10 -9.61 16.37
N ASN F 28 18.80 -8.72 17.08
CA ASN F 28 18.39 -7.33 17.18
C ASN F 28 18.49 -6.63 15.82
N VAL F 29 19.58 -6.88 15.10
CA VAL F 29 19.71 -6.34 13.74
C VAL F 29 18.54 -6.80 12.88
N LYS F 30 18.24 -8.09 12.93
CA LYS F 30 17.12 -8.62 12.16
C LYS F 30 15.80 -7.99 12.59
N ALA F 31 15.68 -7.62 13.87
CA ALA F 31 14.48 -6.91 14.32
C ALA F 31 14.38 -5.54 13.67
N LYS F 32 15.50 -4.82 13.57
CA LYS F 32 15.48 -3.54 12.86
C LYS F 32 15.12 -3.75 11.39
N ILE F 33 15.67 -4.79 10.76
CA ILE F 33 15.34 -5.10 9.38
C ILE F 33 13.84 -5.35 9.25
N GLN F 34 13.25 -6.08 10.22
CA GLN F 34 11.82 -6.33 10.16
C GLN F 34 11.03 -5.03 10.27
N ASP F 35 11.45 -4.14 11.18
CA ASP F 35 10.75 -2.86 11.33
C ASP F 35 10.78 -2.05 10.03
N LYS F 36 11.94 -1.99 9.36
CA LYS F 36 12.06 -1.12 8.20
C LYS F 36 11.51 -1.76 6.93
N GLU F 37 11.70 -3.08 6.76
CA GLU F 37 11.38 -3.77 5.51
C GLU F 37 10.25 -4.77 5.63
N GLY F 38 9.87 -5.17 6.85
CA GLY F 38 8.73 -6.04 7.02
C GLY F 38 8.96 -7.50 6.69
N ILE F 39 10.18 -8.00 6.88
CA ILE F 39 10.51 -9.41 6.67
C ILE F 39 10.73 -10.06 8.03
N PRO F 40 10.06 -11.16 8.36
CA PRO F 40 10.26 -11.78 9.67
C PRO F 40 11.69 -12.21 9.88
N PRO F 41 12.23 -12.08 11.10
CA PRO F 41 13.62 -12.54 11.33
C PRO F 41 13.85 -13.99 10.96
N ASP F 42 12.89 -14.88 11.21
CA ASP F 42 13.06 -16.27 10.84
C ASP F 42 13.22 -16.46 9.34
N GLN F 43 12.85 -15.48 8.52
CA GLN F 43 13.04 -15.55 7.08
C GLN F 43 14.30 -14.83 6.61
N GLN F 44 14.98 -14.10 7.50
CA GLN F 44 16.17 -13.35 7.14
C GLN F 44 17.41 -14.21 7.30
N ARG F 45 18.32 -14.13 6.33
CA ARG F 45 19.64 -14.70 6.44
C ARG F 45 20.65 -13.63 6.07
N LEU F 46 21.47 -13.24 7.05
CA LEU F 46 22.43 -12.15 6.89
C LEU F 46 23.81 -12.72 6.58
N ILE F 47 24.47 -12.13 5.60
CA ILE F 47 25.78 -12.58 5.14
C ILE F 47 26.78 -11.43 5.30
N PHE F 48 27.95 -11.76 5.81
CA PHE F 48 29.09 -10.84 5.88
C PHE F 48 30.33 -11.62 5.55
N ALA F 49 31.07 -11.16 4.54
CA ALA F 49 32.29 -11.84 4.11
C ALA F 49 31.99 -13.29 3.70
N GLY F 50 30.85 -13.48 3.03
CA GLY F 50 30.49 -14.80 2.53
C GLY F 50 30.03 -15.79 3.57
N LYS F 51 29.87 -15.38 4.82
CA LYS F 51 29.49 -16.28 5.90
C LYS F 51 28.16 -15.89 6.50
N GLN F 52 27.34 -16.88 6.81
CA GLN F 52 26.09 -16.67 7.52
C GLN F 52 26.37 -16.13 8.92
N LEU F 53 25.53 -15.19 9.36
CA LEU F 53 25.63 -14.63 10.70
C LEU F 53 24.60 -15.29 11.60
N GLU F 54 25.06 -16.00 12.62
CA GLU F 54 24.18 -16.71 13.53
C GLU F 54 23.60 -15.78 14.58
N ASP F 55 22.39 -16.10 15.02
CA ASP F 55 21.64 -15.21 15.91
C ASP F 55 22.39 -14.93 17.20
N GLY F 56 22.86 -15.99 17.87
CA GLY F 56 23.44 -15.83 19.19
C GLY F 56 24.58 -14.83 19.25
N ARG F 57 25.39 -14.78 18.20
CA ARG F 57 26.59 -13.96 18.22
C ARG F 57 26.22 -12.48 18.11
N THR F 58 27.22 -11.62 18.30
CA THR F 58 27.05 -10.18 18.22
C THR F 58 27.84 -9.64 17.04
N LEU F 59 27.61 -8.35 16.74
CA LEU F 59 28.38 -7.70 15.69
C LEU F 59 29.86 -7.67 16.03
N SER F 60 30.20 -7.54 17.31
CA SER F 60 31.60 -7.60 17.72
C SER F 60 32.21 -8.96 17.41
N ASP F 61 31.47 -10.04 17.68
CA ASP F 61 31.99 -11.38 17.44
C ASP F 61 32.43 -11.58 15.99
N TYR F 62 31.73 -10.96 15.05
CA TYR F 62 32.07 -11.07 13.63
C TYR F 62 32.98 -9.95 13.14
N ASN F 63 33.50 -9.11 14.05
CA ASN F 63 34.36 -7.99 13.69
C ASN F 63 33.72 -7.14 12.60
N ILE F 64 32.44 -6.84 12.78
CA ILE F 64 31.72 -5.92 11.90
C ILE F 64 31.99 -4.50 12.38
N GLN F 65 32.53 -3.66 11.49
CA GLN F 65 32.93 -2.30 11.83
C GLN F 65 32.02 -1.32 11.11
N LYS F 66 32.15 -0.04 11.49
CA LYS F 66 31.27 0.99 10.95
C LYS F 66 31.32 1.01 9.43
N GLU F 67 30.17 1.26 8.82
CA GLU F 67 30.01 1.37 7.38
C GLU F 67 30.29 0.07 6.65
N SER F 68 30.35 -1.06 7.36
CA SER F 68 30.35 -2.36 6.72
C SER F 68 28.97 -2.64 6.13
N THR F 69 28.93 -3.54 5.16
CA THR F 69 27.70 -3.89 4.46
C THR F 69 27.39 -5.36 4.68
N LEU F 70 26.23 -5.63 5.26
CA LEU F 70 25.69 -6.98 5.31
C LEU F 70 24.75 -7.19 4.13
N HIS F 71 24.63 -8.44 3.71
CA HIS F 71 23.79 -8.81 2.57
C HIS F 71 22.63 -9.67 3.05
N LEU F 72 21.41 -9.26 2.73
CA LEU F 72 20.21 -9.96 3.15
C LEU F 72 19.76 -10.92 2.05
N VAL F 73 19.67 -12.20 2.39
CA VAL F 73 19.07 -13.20 1.53
C VAL F 73 17.97 -13.90 2.32
N LEU F 74 17.24 -14.79 1.64
CA LEU F 74 16.18 -15.54 2.28
C LEU F 74 16.72 -16.79 2.96
N ARG F 75 16.04 -17.20 4.03
CA ARG F 75 16.42 -18.43 4.71
C ARG F 75 16.51 -19.57 3.71
N LEU F 76 17.51 -20.42 3.88
CA LEU F 76 17.77 -21.51 2.95
C LEU F 76 18.17 -22.74 3.73
N ARG F 77 18.20 -23.87 3.03
CA ARG F 77 18.57 -25.16 3.62
C ARG F 77 19.25 -26.01 2.56
N GLY F 78 20.45 -26.48 2.88
CA GLY F 78 21.09 -27.48 2.03
C GLY F 78 20.45 -28.84 2.23
N GLY F 79 20.36 -29.60 1.14
CA GLY F 79 19.77 -30.92 1.18
C GLY F 79 20.53 -31.93 0.33
#